data_3IVE
#
_entry.id   3IVE
#
_cell.length_a   156.261
_cell.length_b   77.453
_cell.length_c   47.518
_cell.angle_alpha   90.000
_cell.angle_beta   103.830
_cell.angle_gamma   90.000
#
_symmetry.space_group_name_H-M   'C 1 2 1'
#
loop_
_entity.id
_entity.type
_entity.pdbx_description
1 polymer Nucleotidase
2 non-polymer 'MANGANESE (II) ION'
3 non-polymer 'FE (III) ION'
4 non-polymer 4-AMINO-1-BETA-D-RIBOFURANOSYL-2(1H)-PYRIMIDINONE
5 non-polymer 'SULFATE ION'
6 non-polymer 'CHLORIDE ION'
7 water water
#
_entity_poly.entity_id   1
_entity_poly.type   'polypeptide(L)'
_entity_poly.pdbx_seq_one_letter_code
;(MSE)SLAKDVTIIYTNDLHAHVEPYKVPWIADGKRDIGGWANITTLVKQEKAKNKATWFFDAGDYFTGPYISSLTKGKA
IIDI(MSE)NT(MSE)PFDAVTIGNHEFDHGWDNTLLQLSQAKFPIVQGNIFYQNSSKSFWDKPYTIIEKDGVKIGVIGL
HGVFAFNDTVSAATRVGIEARDEIKWLQRYIDELKGKVDLTVALIHEGVPARQSS(MSE)GGTDVRRALDKDIQTASQVK
GLDILITGHAHVGTPEPIKVGNTLILSTDSGGIDVGKLVLDYKEKPHNFTVKNFELKTIYADEWKPDQQTKQVIDGWNKK
LDEVVQQTVAQSPVELKRAYGESASLGNLAADALLAAAGKNTQLALTNSGGIRNEIPAGAIT(MSE)GGVISTFPFPNEL
VT(MSE)ELTGKQLRSL(MSE)EHGASLSNGVLQVSKGLE(MSE)KYDSSKPVGQRVITLTLNGKPIEDATVYHIATQSF
LADGGDGFTAFTEGKARNITGGYYVYHAVVDYFKAGNTITDEQLNG(MSE)RVKDIKEGHHHHHH
;
_entity_poly.pdbx_strand_id   A
#
loop_
_chem_comp.id
_chem_comp.type
_chem_comp.name
_chem_comp.formula
CL non-polymer 'CHLORIDE ION' 'Cl -1'
CTN non-polymer 4-AMINO-1-BETA-D-RIBOFURANOSYL-2(1H)-PYRIMIDINONE 'C9 H13 N3 O5'
FE non-polymer 'FE (III) ION' 'Fe 3'
MN non-polymer 'MANGANESE (II) ION' 'Mn 2'
SO4 non-polymer 'SULFATE ION' 'O4 S -2'
#
# COMPACT_ATOMS: atom_id res chain seq x y z
N ALA A 4 21.10 0.06 33.79
CA ALA A 4 20.80 0.23 32.34
C ALA A 4 20.56 -1.12 31.69
N LYS A 5 19.59 -1.11 30.77
CA LYS A 5 19.14 -2.30 30.06
C LYS A 5 19.01 -1.91 28.59
N ASP A 6 19.46 -2.78 27.69
CA ASP A 6 19.21 -2.59 26.27
C ASP A 6 17.77 -3.00 25.97
N VAL A 7 17.03 -2.09 25.35
CA VAL A 7 15.64 -2.36 24.93
C VAL A 7 15.66 -2.20 23.43
N THR A 8 15.33 -3.27 22.71
CA THR A 8 15.53 -3.29 21.27
C THR A 8 14.17 -3.41 20.60
N ILE A 9 13.93 -2.58 19.60
CA ILE A 9 12.68 -2.57 18.87
C ILE A 9 13.02 -2.77 17.40
N ILE A 10 12.54 -3.86 16.82
CA ILE A 10 12.74 -4.14 15.39
C ILE A 10 11.37 -3.94 14.76
N TYR A 11 11.31 -3.38 13.55
CA TYR A 11 9.99 -3.08 12.98
C TYR A 11 10.01 -3.13 11.47
N THR A 12 8.84 -3.43 10.92
CA THR A 12 8.57 -3.35 9.50
C THR A 12 7.25 -2.60 9.29
N ASN A 13 6.95 -2.25 8.06
CA ASN A 13 5.65 -1.72 7.67
C ASN A 13 5.48 -1.98 6.19
N ASP A 14 4.23 -2.09 5.75
CA ASP A 14 3.95 -2.16 4.32
C ASP A 14 4.73 -3.27 3.62
N LEU A 15 4.76 -4.44 4.25
CA LEU A 15 5.40 -5.62 3.68
C LEU A 15 4.77 -6.06 2.36
N HIS A 16 3.48 -5.81 2.21
CA HIS A 16 2.79 -5.99 0.92
C HIS A 16 3.03 -7.33 0.25
N ALA A 17 2.87 -8.40 1.03
CA ALA A 17 2.89 -9.76 0.48
C ALA A 17 4.15 -10.11 -0.31
N HIS A 18 5.25 -9.37 -0.08
CA HIS A 18 6.51 -9.66 -0.78
C HIS A 18 7.25 -10.78 -0.07
N VAL A 19 6.64 -11.96 -0.10
CA VAL A 19 7.08 -13.02 0.81
C VAL A 19 8.42 -13.62 0.37
N GLU A 20 8.68 -13.62 -0.94
CA GLU A 20 9.99 -14.08 -1.42
C GLU A 20 10.86 -12.93 -1.88
N PRO A 21 12.18 -13.15 -1.88
CA PRO A 21 13.10 -12.11 -2.39
C PRO A 21 12.79 -11.75 -3.83
N TYR A 22 13.05 -10.48 -4.18
CA TYR A 22 12.64 -9.95 -5.48
C TYR A 22 13.54 -8.80 -5.90
N LYS A 23 13.42 -8.40 -7.17
CA LYS A 23 14.21 -7.29 -7.70
C LYS A 23 13.45 -5.98 -7.69
N VAL A 24 14.19 -4.90 -7.49
CA VAL A 24 13.61 -3.55 -7.47
C VAL A 24 14.44 -2.76 -8.48
N PRO A 25 13.79 -2.10 -9.44
CA PRO A 25 14.61 -1.49 -10.52
C PRO A 25 15.64 -0.47 -10.03
N TRP A 26 15.36 0.22 -8.93
CA TRP A 26 16.27 1.26 -8.44
C TRP A 26 17.26 0.80 -7.37
N ILE A 27 17.31 -0.51 -7.13
CA ILE A 27 18.33 -1.07 -6.25
C ILE A 27 19.22 -2.02 -7.06
N ALA A 28 20.52 -1.71 -7.09
CA ALA A 28 21.48 -2.43 -7.95
C ALA A 28 20.95 -2.68 -9.37
N ASP A 29 20.30 -1.67 -9.95
CA ASP A 29 19.79 -1.74 -11.32
C ASP A 29 18.91 -2.98 -11.56
N GLY A 30 18.17 -3.39 -10.52
CA GLY A 30 17.28 -4.54 -10.63
C GLY A 30 17.98 -5.87 -10.78
N LYS A 31 19.25 -5.94 -10.37
CA LYS A 31 20.06 -7.17 -10.58
C LYS A 31 20.36 -7.93 -9.29
N ARG A 32 19.90 -7.44 -8.14
CA ARG A 32 20.16 -8.09 -6.86
C ARG A 32 18.86 -8.29 -6.07
N ASP A 33 18.59 -9.52 -5.65
CA ASP A 33 17.37 -9.82 -4.86
C ASP A 33 17.42 -9.16 -3.51
N ILE A 34 16.32 -8.50 -3.16
CA ILE A 34 16.18 -7.93 -1.84
C ILE A 34 14.98 -8.55 -1.11
N GLY A 35 14.96 -8.34 0.19
CA GLY A 35 13.82 -8.77 1.03
C GLY A 35 13.69 -10.28 1.16
N GLY A 36 12.44 -10.73 1.27
CA GLY A 36 12.14 -12.13 1.59
C GLY A 36 11.76 -12.26 3.05
N TRP A 37 10.57 -12.77 3.31
CA TRP A 37 10.10 -12.83 4.70
C TRP A 37 10.82 -13.90 5.52
N ALA A 38 11.26 -14.96 4.86
CA ALA A 38 12.06 -15.98 5.56
C ALA A 38 13.40 -15.37 6.03
N ASN A 39 13.96 -14.46 5.23
CA ASN A 39 15.18 -13.72 5.65
C ASN A 39 14.94 -12.83 6.86
N ILE A 40 13.82 -12.12 6.84
CA ILE A 40 13.42 -11.26 7.96
C ILE A 40 13.21 -12.09 9.24
N THR A 41 12.64 -13.28 9.10
CA THR A 41 12.47 -14.17 10.26
C THR A 41 13.83 -14.47 10.90
N THR A 42 14.81 -14.83 10.05
CA THR A 42 16.17 -15.11 10.56
C THR A 42 16.75 -13.89 11.30
N LEU A 43 16.62 -12.72 10.69
CA LEU A 43 17.11 -11.48 11.33
C LEU A 43 16.51 -11.27 12.73
N VAL A 44 15.18 -11.36 12.84
CA VAL A 44 14.52 -11.12 14.11
C VAL A 44 14.83 -12.23 15.14
N LYS A 45 14.81 -13.48 14.69
CA LYS A 45 15.17 -14.58 15.58
C LYS A 45 16.58 -14.40 16.14
N GLN A 46 17.51 -13.95 15.32
CA GLN A 46 18.90 -13.74 15.78
C GLN A 46 19.00 -12.60 16.79
N GLU A 47 18.24 -11.54 16.55
CA GLU A 47 18.21 -10.44 17.50
C GLU A 47 17.56 -10.82 18.82
N LYS A 48 16.48 -11.59 18.76
CA LYS A 48 15.79 -12.03 19.95
C LYS A 48 16.66 -13.00 20.76
N ALA A 49 17.49 -13.78 20.07
CA ALA A 49 18.42 -14.70 20.74
C ALA A 49 19.54 -13.92 21.44
N LYS A 50 19.94 -12.79 20.89
CA LYS A 50 21.01 -11.94 21.47
C LYS A 50 20.58 -11.10 22.67
N ASN A 51 19.32 -10.66 22.70
CA ASN A 51 18.84 -9.80 23.79
C ASN A 51 17.40 -10.17 24.13
N LYS A 52 17.16 -10.50 25.40
CA LYS A 52 15.82 -10.91 25.83
C LYS A 52 14.79 -9.79 25.55
N ALA A 53 15.18 -8.55 25.86
CA ALA A 53 14.27 -7.42 25.76
C ALA A 53 14.24 -6.88 24.32
N THR A 54 13.64 -7.67 23.41
CA THR A 54 13.61 -7.34 21.99
C THR A 54 12.19 -7.59 21.50
N TRP A 55 11.61 -6.55 20.89
CA TRP A 55 10.24 -6.61 20.36
C TRP A 55 10.27 -6.43 18.85
N PHE A 56 9.30 -7.05 18.15
CA PHE A 56 9.21 -6.94 16.69
C PHE A 56 7.78 -6.47 16.38
N PHE A 57 7.66 -5.33 15.70
CA PHE A 57 6.34 -4.73 15.43
C PHE A 57 6.19 -4.47 13.93
N ASP A 58 4.93 -4.41 13.46
CA ASP A 58 4.66 -4.03 12.06
C ASP A 58 3.47 -3.08 11.99
N ALA A 59 3.57 -2.05 11.17
CA ALA A 59 2.52 -1.03 11.14
C ALA A 59 1.47 -1.16 10.03
N GLY A 60 1.20 -2.38 9.59
CA GLY A 60 0.08 -2.64 8.66
C GLY A 60 0.48 -2.78 7.21
N ASP A 61 -0.49 -3.14 6.37
CA ASP A 61 -0.27 -3.32 4.91
C ASP A 61 0.65 -4.48 4.58
N TYR A 62 0.47 -5.57 5.31
CA TYR A 62 1.09 -6.86 4.95
C TYR A 62 0.32 -7.60 3.82
N PHE A 63 -0.98 -7.28 3.62
CA PHE A 63 -1.74 -7.83 2.48
C PHE A 63 -1.40 -7.02 1.22
N THR A 64 -1.55 -7.69 0.07
CA THR A 64 -1.75 -7.09 -1.25
C THR A 64 -0.45 -6.71 -1.95
N GLY A 65 -0.20 -7.43 -3.04
CA GLY A 65 1.04 -7.28 -3.84
C GLY A 65 1.09 -8.55 -4.66
N PRO A 66 2.18 -9.33 -4.53
CA PRO A 66 2.31 -10.62 -5.18
C PRO A 66 1.04 -11.47 -5.02
N TYR A 67 0.71 -12.22 -6.06
CA TYR A 67 -0.54 -12.96 -6.19
C TYR A 67 -0.88 -13.86 -4.99
N ILE A 68 0.12 -14.26 -4.21
CA ILE A 68 -0.12 -15.13 -3.05
C ILE A 68 -1.13 -14.51 -2.05
N SER A 69 -1.19 -13.18 -2.00
CA SER A 69 -2.18 -12.51 -1.15
C SER A 69 -3.56 -12.51 -1.82
N SER A 70 -3.68 -11.89 -3.00
CA SER A 70 -4.99 -11.75 -3.66
C SER A 70 -5.70 -13.07 -3.87
N LEU A 71 -4.95 -14.06 -4.37
CA LEU A 71 -5.57 -15.33 -4.70
C LEU A 71 -6.01 -16.12 -3.46
N THR A 72 -5.56 -15.72 -2.27
CA THR A 72 -5.99 -16.36 -1.01
C THR A 72 -6.77 -15.41 -0.08
N LYS A 73 -7.08 -14.22 -0.57
CA LYS A 73 -7.71 -13.15 0.23
C LYS A 73 -6.94 -12.87 1.50
N GLY A 74 -5.61 -13.00 1.40
CA GLY A 74 -4.73 -12.73 2.56
C GLY A 74 -4.55 -13.90 3.50
N LYS A 75 -5.27 -15.00 3.29
CA LYS A 75 -5.10 -16.20 4.15
C LYS A 75 -3.65 -16.69 4.19
N ALA A 76 -3.01 -16.75 3.03
CA ALA A 76 -1.64 -17.27 3.01
C ALA A 76 -0.72 -16.33 3.77
N ILE A 77 -1.04 -15.04 3.74
CA ILE A 77 -0.19 -14.05 4.40
C ILE A 77 -0.23 -14.21 5.90
N ILE A 78 -1.42 -14.42 6.46
CA ILE A 78 -1.52 -14.70 7.91
C ILE A 78 -0.79 -16.00 8.26
N ASP A 79 -0.92 -17.03 7.42
CA ASP A 79 -0.24 -18.33 7.69
C ASP A 79 1.27 -18.15 7.75
N ILE A 80 1.81 -17.37 6.82
CA ILE A 80 3.24 -17.12 6.78
C ILE A 80 3.69 -16.28 7.98
N MSE A 81 2.91 -15.24 8.32
CA MSE A 81 3.23 -14.39 9.46
C MSE A 81 3.18 -15.17 10.75
O MSE A 81 3.93 -14.86 11.68
CB MSE A 81 2.30 -13.15 9.52
CG MSE A 81 2.47 -12.28 8.28
SE MSE A 81 1.12 -10.82 8.33
CE MSE A 81 1.83 -9.69 9.80
N ASN A 82 2.34 -16.21 10.82
CA ASN A 82 2.31 -17.10 11.99
C ASN A 82 3.61 -17.86 12.27
N THR A 83 4.51 -17.90 11.29
CA THR A 83 5.83 -18.48 11.49
C THR A 83 6.87 -17.42 11.88
N MSE A 84 6.46 -16.16 11.96
CA MSE A 84 7.39 -15.06 12.19
C MSE A 84 7.19 -14.53 13.62
O MSE A 84 6.06 -14.51 14.13
CB MSE A 84 7.21 -13.96 11.12
CG MSE A 84 7.32 -14.49 9.65
SE MSE A 84 6.83 -13.17 8.30
CE MSE A 84 8.29 -11.88 8.61
N PRO A 85 8.27 -14.06 14.27
CA PRO A 85 8.12 -13.72 15.70
C PRO A 85 7.59 -12.31 16.01
N PHE A 86 6.44 -11.95 15.43
CA PHE A 86 5.82 -10.65 15.69
C PHE A 86 5.29 -10.60 17.11
N ASP A 87 5.54 -9.48 17.76
CA ASP A 87 4.98 -9.22 19.09
C ASP A 87 3.68 -8.44 18.99
N ALA A 88 3.52 -7.64 17.95
CA ALA A 88 2.25 -6.96 17.69
C ALA A 88 2.25 -6.29 16.33
N VAL A 89 1.10 -6.31 15.68
CA VAL A 89 0.90 -5.57 14.43
C VAL A 89 -0.39 -4.79 14.50
N THR A 90 -0.52 -3.80 13.63
CA THR A 90 -1.82 -3.15 13.47
C THR A 90 -2.45 -3.53 12.12
N ILE A 91 -3.56 -2.87 11.77
CA ILE A 91 -4.32 -3.19 10.54
C ILE A 91 -4.21 -1.99 9.60
N GLY A 92 -3.71 -2.20 8.40
CA GLY A 92 -3.60 -1.10 7.41
C GLY A 92 -4.74 -1.15 6.42
N ASN A 93 -4.83 -0.16 5.52
CA ASN A 93 -5.94 -0.15 4.57
C ASN A 93 -6.05 -1.40 3.70
N HIS A 94 -4.90 -1.97 3.33
CA HIS A 94 -4.89 -3.11 2.42
C HIS A 94 -5.42 -4.40 3.05
N GLU A 95 -5.45 -4.46 4.37
CA GLU A 95 -6.07 -5.60 5.02
C GLU A 95 -7.59 -5.65 4.77
N PHE A 96 -8.16 -4.53 4.27
CA PHE A 96 -9.58 -4.43 3.92
C PHE A 96 -9.87 -4.75 2.46
N ASP A 97 -8.84 -5.11 1.66
CA ASP A 97 -9.04 -5.14 0.19
C ASP A 97 -10.05 -6.18 -0.29
N HIS A 98 -10.33 -7.21 0.52
CA HIS A 98 -11.32 -8.24 0.13
C HIS A 98 -12.57 -8.18 1.00
N GLY A 99 -12.76 -7.02 1.63
CA GLY A 99 -13.95 -6.76 2.47
C GLY A 99 -13.65 -6.85 3.95
N TRP A 100 -14.41 -6.12 4.78
CA TRP A 100 -14.10 -6.09 6.20
C TRP A 100 -14.48 -7.38 6.90
N ASP A 101 -15.44 -8.12 6.34
CA ASP A 101 -15.71 -9.45 6.86
C ASP A 101 -14.50 -10.36 6.65
N ASN A 102 -13.87 -10.26 5.49
CA ASN A 102 -12.67 -11.06 5.27
C ASN A 102 -11.55 -10.64 6.23
N THR A 103 -11.47 -9.33 6.52
CA THR A 103 -10.50 -8.84 7.48
C THR A 103 -10.65 -9.57 8.82
N LEU A 104 -11.88 -9.60 9.34
CA LEU A 104 -12.13 -10.30 10.61
C LEU A 104 -11.80 -11.78 10.52
N LEU A 105 -12.28 -12.41 9.47
CA LEU A 105 -12.06 -13.85 9.28
C LEU A 105 -10.56 -14.18 9.25
N GLN A 106 -9.82 -13.50 8.36
CA GLN A 106 -8.39 -13.85 8.21
C GLN A 106 -7.59 -13.51 9.43
N LEU A 107 -7.78 -12.30 9.95
CA LEU A 107 -6.93 -11.85 11.07
C LEU A 107 -7.28 -12.60 12.37
N SER A 108 -8.47 -13.20 12.43
CA SER A 108 -8.79 -14.06 13.61
C SER A 108 -7.82 -15.26 13.75
N GLN A 109 -7.17 -15.62 12.65
CA GLN A 109 -6.27 -16.77 12.58
C GLN A 109 -4.84 -16.44 13.01
N ALA A 110 -4.56 -15.16 13.25
CA ALA A 110 -3.23 -14.74 13.69
C ALA A 110 -2.86 -15.28 15.05
N LYS A 111 -1.62 -15.78 15.17
CA LYS A 111 -1.10 -16.27 16.44
C LYS A 111 -0.35 -15.19 17.22
N PHE A 112 -0.25 -14.00 16.66
CA PHE A 112 0.44 -12.87 17.25
C PHE A 112 -0.61 -11.80 17.56
N PRO A 113 -0.35 -10.90 18.52
CA PRO A 113 -1.34 -9.85 18.84
C PRO A 113 -1.55 -8.84 17.72
N ILE A 114 -2.80 -8.41 17.56
CA ILE A 114 -3.16 -7.39 16.58
C ILE A 114 -3.91 -6.31 17.34
N VAL A 115 -3.46 -5.07 17.20
CA VAL A 115 -4.03 -3.96 17.94
C VAL A 115 -4.63 -2.97 16.97
N GLN A 116 -5.81 -2.46 17.30
CA GLN A 116 -6.49 -1.53 16.40
C GLN A 116 -7.59 -0.89 17.25
N GLY A 117 -7.40 0.39 17.56
CA GLY A 117 -8.26 1.07 18.49
C GLY A 117 -9.05 2.23 17.98
N ASN A 118 -9.25 2.38 16.67
CA ASN A 118 -10.05 3.56 16.23
C ASN A 118 -10.91 3.33 14.98
N ILE A 119 -11.14 2.06 14.63
CA ILE A 119 -12.14 1.73 13.59
C ILE A 119 -13.43 1.23 14.30
N PHE A 120 -14.55 1.80 13.90
CA PHE A 120 -15.85 1.56 14.55
C PHE A 120 -16.91 1.30 13.52
N TYR A 121 -17.98 0.66 13.97
CA TYR A 121 -19.21 0.63 13.16
C TYR A 121 -19.82 2.02 13.07
N GLN A 122 -20.17 2.46 11.87
CA GLN A 122 -20.83 3.75 11.70
C GLN A 122 -22.10 3.86 12.53
N ASN A 123 -22.33 5.04 13.08
CA ASN A 123 -23.52 5.34 13.92
C ASN A 123 -23.62 4.42 15.13
N SER A 124 -22.47 4.08 15.68
CA SER A 124 -22.35 3.12 16.77
C SER A 124 -21.11 3.41 17.57
N SER A 125 -21.11 3.02 18.84
CA SER A 125 -19.86 3.09 19.59
C SER A 125 -19.10 1.76 19.55
N LYS A 126 -19.63 0.78 18.82
CA LYS A 126 -19.01 -0.55 18.77
C LYS A 126 -17.71 -0.54 17.97
N SER A 127 -16.67 -1.10 18.57
CA SER A 127 -15.38 -1.22 17.91
CA SER A 127 -15.37 -1.22 17.92
C SER A 127 -15.39 -2.33 16.88
N PHE A 128 -14.73 -2.10 15.75
CA PHE A 128 -14.55 -3.13 14.74
C PHE A 128 -13.66 -4.28 15.28
N TRP A 129 -12.50 -3.95 15.85
CA TRP A 129 -11.54 -4.96 16.34
C TRP A 129 -11.70 -5.01 17.85
N ASP A 130 -11.14 -6.01 18.51
CA ASP A 130 -11.45 -6.14 19.95
C ASP A 130 -10.36 -5.70 20.91
N LYS A 131 -9.27 -5.13 20.39
CA LYS A 131 -8.09 -4.88 21.18
C LYS A 131 -7.43 -3.57 20.72
N PRO A 132 -7.63 -2.46 21.47
CA PRO A 132 -7.09 -1.18 21.00
C PRO A 132 -5.59 -1.05 21.26
N TYR A 133 -5.13 -1.71 22.31
CA TYR A 133 -3.73 -1.73 22.68
C TYR A 133 -3.47 -2.95 23.54
N THR A 134 -2.20 -3.23 23.78
CA THR A 134 -1.85 -4.38 24.61
C THR A 134 -0.51 -4.08 25.27
N ILE A 135 -0.22 -4.77 26.37
CA ILE A 135 1.08 -4.61 27.05
C ILE A 135 1.91 -5.87 26.83
N ILE A 136 3.13 -5.72 26.33
CA ILE A 136 3.99 -6.88 26.08
C ILE A 136 5.23 -6.70 26.93
N GLU A 137 5.38 -7.59 27.92
CA GLU A 137 6.47 -7.50 28.87
C GLU A 137 7.57 -8.48 28.52
N LYS A 138 8.81 -8.01 28.55
CA LYS A 138 9.98 -8.85 28.32
C LYS A 138 11.08 -8.41 29.26
N ASP A 139 11.66 -9.38 29.98
CA ASP A 139 12.78 -9.10 30.89
C ASP A 139 12.48 -7.95 31.88
N GLY A 140 11.27 -7.93 32.42
CA GLY A 140 10.89 -6.88 33.38
C GLY A 140 10.54 -5.51 32.81
N VAL A 141 10.59 -5.36 31.49
CA VAL A 141 10.25 -4.09 30.82
C VAL A 141 8.90 -4.28 30.12
N LYS A 142 7.95 -3.41 30.42
CA LYS A 142 6.59 -3.47 29.87
C LYS A 142 6.46 -2.43 28.76
N ILE A 143 6.06 -2.85 27.57
CA ILE A 143 5.81 -1.90 26.50
C ILE A 143 4.33 -1.95 26.15
N GLY A 144 3.68 -0.79 26.24
CA GLY A 144 2.27 -0.65 25.79
C GLY A 144 2.30 -0.34 24.31
N VAL A 145 1.52 -1.07 23.52
CA VAL A 145 1.52 -0.88 22.05
C VAL A 145 0.09 -0.59 21.58
N ILE A 146 -0.10 0.56 20.92
CA ILE A 146 -1.41 1.03 20.47
C ILE A 146 -1.47 0.88 18.96
N GLY A 147 -2.62 0.50 18.38
CA GLY A 147 -2.75 0.45 16.90
C GLY A 147 -3.79 1.45 16.43
N LEU A 148 -3.48 2.24 15.38
CA LEU A 148 -4.41 3.27 14.90
C LEU A 148 -4.31 3.47 13.39
N HIS A 149 -5.41 3.87 12.76
CA HIS A 149 -5.45 4.16 11.34
C HIS A 149 -5.88 5.62 11.16
N GLY A 150 -5.16 6.41 10.35
CA GLY A 150 -5.58 7.80 10.13
C GLY A 150 -6.91 7.82 9.38
N VAL A 151 -7.78 8.78 9.74
CA VAL A 151 -9.10 8.91 9.14
C VAL A 151 -8.97 9.26 7.67
N PHE A 152 -8.13 10.25 7.35
CA PHE A 152 -7.94 10.65 5.94
C PHE A 152 -7.49 9.46 5.07
N ALA A 153 -6.46 8.75 5.54
CA ALA A 153 -5.91 7.63 4.80
C ALA A 153 -6.97 6.52 4.64
N PHE A 154 -7.79 6.31 5.67
CA PHE A 154 -8.81 5.26 5.61
C PHE A 154 -9.83 5.60 4.53
N ASN A 155 -10.33 6.83 4.56
CA ASN A 155 -11.34 7.25 3.57
C ASN A 155 -10.78 7.35 2.16
N ASP A 156 -9.50 7.71 2.08
CA ASP A 156 -8.80 7.94 0.79
C ASP A 156 -8.47 6.63 0.06
N THR A 157 -8.12 5.57 0.81
CA THR A 157 -7.49 4.39 0.20
C THR A 157 -8.19 3.05 0.42
N VAL A 158 -9.14 3.00 1.34
CA VAL A 158 -9.96 1.80 1.44
C VAL A 158 -11.06 1.93 0.41
N SER A 159 -11.20 0.91 -0.45
CA SER A 159 -12.21 0.92 -1.49
CA SER A 159 -12.22 0.97 -1.50
C SER A 159 -13.59 1.04 -0.82
N ALA A 160 -14.46 1.89 -1.37
CA ALA A 160 -15.77 2.13 -0.75
C ALA A 160 -16.54 0.83 -0.50
N ALA A 161 -16.48 -0.09 -1.47
CA ALA A 161 -17.24 -1.36 -1.41
C ALA A 161 -16.79 -2.28 -0.29
N THR A 162 -15.60 -2.05 0.25
CA THR A 162 -15.05 -2.93 1.29
C THR A 162 -15.15 -2.36 2.69
N ARG A 163 -15.71 -1.14 2.82
CA ARG A 163 -15.84 -0.53 4.15
C ARG A 163 -17.25 -0.05 4.45
N VAL A 164 -18.23 -0.68 3.82
CA VAL A 164 -19.63 -0.24 3.99
C VAL A 164 -20.06 -0.49 5.43
N GLY A 165 -20.38 0.60 6.14
CA GLY A 165 -20.84 0.51 7.53
C GLY A 165 -19.79 0.62 8.63
N ILE A 166 -18.52 0.77 8.24
CA ILE A 166 -17.47 1.01 9.22
C ILE A 166 -16.70 2.28 8.87
N GLU A 167 -15.92 2.76 9.83
CA GLU A 167 -15.12 3.98 9.64
C GLU A 167 -14.03 4.11 10.69
N ALA A 168 -13.00 4.89 10.34
CA ALA A 168 -11.99 5.27 11.32
C ALA A 168 -12.47 6.56 11.97
N ARG A 169 -12.12 6.76 13.24
CA ARG A 169 -12.45 8.02 13.94
C ARG A 169 -11.23 8.67 14.52
N ASP A 170 -11.32 10.00 14.65
CA ASP A 170 -10.22 10.91 15.07
C ASP A 170 -9.01 10.26 15.75
N GLU A 171 -7.99 9.98 14.94
CA GLU A 171 -6.85 9.22 15.44
C GLU A 171 -6.10 9.95 16.56
N ILE A 172 -6.16 11.28 16.57
CA ILE A 172 -5.45 12.05 17.61
C ILE A 172 -6.16 11.94 18.98
N LYS A 173 -7.48 12.06 18.96
CA LYS A 173 -8.29 11.86 20.16
C LYS A 173 -8.01 10.50 20.79
N TRP A 174 -8.04 9.45 19.97
CA TRP A 174 -7.88 8.10 20.49
C TRP A 174 -6.45 7.85 20.94
N LEU A 175 -5.49 8.34 20.16
CA LEU A 175 -4.07 8.19 20.53
C LEU A 175 -3.83 8.77 21.94
N GLN A 176 -4.29 9.99 22.17
CA GLN A 176 -4.09 10.61 23.50
C GLN A 176 -4.83 9.83 24.60
N ARG A 177 -6.03 9.36 24.31
CA ARG A 177 -6.78 8.57 25.28
C ARG A 177 -6.01 7.31 25.72
N TYR A 178 -5.46 6.59 24.73
CA TYR A 178 -4.78 5.34 25.01
C TYR A 178 -3.43 5.58 25.70
N ILE A 179 -2.71 6.63 25.27
CA ILE A 179 -1.47 7.03 25.98
C ILE A 179 -1.81 7.26 27.48
N ASP A 180 -2.90 7.98 27.72
CA ASP A 180 -3.32 8.32 29.10
C ASP A 180 -3.66 7.09 29.93
N GLU A 181 -4.37 6.14 29.34
CA GLU A 181 -4.74 4.90 30.02
C GLU A 181 -3.52 4.05 30.34
N LEU A 182 -2.47 4.14 29.52
CA LEU A 182 -1.28 3.32 29.69
C LEU A 182 -0.20 3.92 30.59
N LYS A 183 -0.23 5.23 30.77
CA LYS A 183 0.89 5.99 31.35
C LYS A 183 1.58 5.37 32.58
N GLY A 184 0.77 5.02 33.58
CA GLY A 184 1.31 4.46 34.82
C GLY A 184 1.41 2.95 34.85
N LYS A 185 1.19 2.31 33.71
CA LYS A 185 1.13 0.85 33.64
C LYS A 185 2.32 0.25 32.88
N VAL A 186 3.11 1.09 32.21
CA VAL A 186 4.14 0.61 31.29
C VAL A 186 5.43 1.42 31.42
N ASP A 187 6.53 0.85 30.95
CA ASP A 187 7.81 1.52 30.90
C ASP A 187 7.93 2.40 29.64
N LEU A 188 7.35 1.93 28.53
CA LEU A 188 7.42 2.64 27.27
C LEU A 188 6.09 2.49 26.52
N THR A 189 5.66 3.56 25.84
CA THR A 189 4.44 3.51 25.04
C THR A 189 4.76 3.70 23.56
N VAL A 190 4.33 2.74 22.74
CA VAL A 190 4.62 2.74 21.30
C VAL A 190 3.27 2.79 20.58
N ALA A 191 3.18 3.57 19.52
CA ALA A 191 2.00 3.51 18.64
C ALA A 191 2.37 3.07 17.24
N LEU A 192 1.60 2.13 16.71
CA LEU A 192 1.74 1.67 15.33
C LEU A 192 0.60 2.35 14.59
N ILE A 193 0.95 3.31 13.74
CA ILE A 193 -0.06 4.15 13.12
C ILE A 193 0.04 4.08 11.62
N HIS A 194 -1.08 3.73 10.99
CA HIS A 194 -1.13 3.69 9.54
C HIS A 194 -1.84 4.97 9.05
N GLU A 195 -1.09 5.92 8.49
CA GLU A 195 -1.65 7.28 8.26
C GLU A 195 -0.82 8.04 7.22
N GLY A 196 -1.41 9.11 6.67
CA GLY A 196 -0.69 10.04 5.80
C GLY A 196 -1.09 9.95 4.35
N VAL A 197 -0.10 10.16 3.47
CA VAL A 197 -0.31 10.10 2.03
C VAL A 197 0.08 8.70 1.53
N PRO A 198 -0.63 8.20 0.50
CA PRO A 198 -0.27 6.87 0.03
C PRO A 198 1.09 6.85 -0.67
N ALA A 199 1.67 5.65 -0.74
CA ALA A 199 2.98 5.47 -1.33
C ALA A 199 3.01 5.79 -2.82
N ARG A 200 4.13 6.36 -3.26
CA ARG A 200 4.35 6.46 -4.71
C ARG A 200 4.49 5.04 -5.27
N GLN A 201 3.76 4.77 -6.34
CA GLN A 201 3.89 3.50 -7.06
C GLN A 201 4.61 3.77 -8.38
N SER A 202 5.90 3.45 -8.41
CA SER A 202 6.74 3.79 -9.54
C SER A 202 7.92 2.85 -9.67
N SER A 203 8.42 2.67 -10.89
CA SER A 203 9.62 1.90 -11.15
C SER A 203 10.86 2.78 -10.99
N MSE A 204 10.63 4.08 -10.86
CA MSE A 204 11.72 5.03 -10.64
C MSE A 204 11.89 5.34 -9.17
O MSE A 204 13.04 5.45 -8.71
CB MSE A 204 11.46 6.31 -11.44
CG MSE A 204 11.52 6.11 -12.95
SE MSE A 204 10.97 7.75 -13.88
CE MSE A 204 9.03 7.49 -14.01
N ASP A 208 10.11 10.65 -8.92
CA ASP A 208 8.75 10.42 -9.41
C ASP A 208 7.78 10.66 -8.24
N VAL A 209 7.45 11.94 -8.04
CA VAL A 209 6.54 12.42 -6.97
C VAL A 209 7.17 12.31 -5.58
N ARG A 210 7.36 13.46 -4.95
CA ARG A 210 7.92 13.55 -3.60
C ARG A 210 6.96 12.89 -2.59
N ARG A 211 7.52 12.09 -1.69
CA ARG A 211 6.78 11.51 -0.55
C ARG A 211 7.55 11.78 0.76
N ALA A 212 6.81 12.14 1.82
CA ALA A 212 7.40 12.43 3.14
C ALA A 212 6.47 12.03 4.29
N LEU A 213 6.94 12.27 5.52
CA LEU A 213 6.26 11.84 6.73
C LEU A 213 5.65 13.04 7.53
N ASP A 214 5.13 14.03 6.81
CA ASP A 214 4.60 15.24 7.44
C ASP A 214 3.46 14.94 8.42
N LYS A 215 2.57 14.02 8.03
CA LYS A 215 1.45 13.65 8.89
C LYS A 215 1.93 13.11 10.24
N ASP A 216 2.99 12.30 10.18
CA ASP A 216 3.50 11.67 11.40
C ASP A 216 4.18 12.68 12.32
N ILE A 217 4.88 13.64 11.74
CA ILE A 217 5.44 14.73 12.54
C ILE A 217 4.29 15.49 13.19
N GLN A 218 3.24 15.77 12.43
CA GLN A 218 2.10 16.49 12.98
C GLN A 218 1.52 15.71 14.16
N THR A 219 1.24 14.43 13.93
CA THR A 219 0.67 13.56 14.97
C THR A 219 1.49 13.59 16.27
N ALA A 220 2.80 13.39 16.14
CA ALA A 220 3.68 13.42 17.31
C ALA A 220 3.63 14.76 18.04
N SER A 221 3.54 15.84 17.28
CA SER A 221 3.53 17.18 17.89
C SER A 221 2.19 17.46 18.61
N GLN A 222 1.15 16.69 18.26
CA GLN A 222 -0.19 16.92 18.80
C GLN A 222 -0.53 16.13 20.07
N VAL A 223 0.32 15.17 20.43
CA VAL A 223 0.06 14.36 21.60
C VAL A 223 1.21 14.47 22.58
N LYS A 224 0.92 14.15 23.83
CA LYS A 224 1.89 14.20 24.90
C LYS A 224 2.06 12.79 25.49
N GLY A 225 3.32 12.37 25.64
CA GLY A 225 3.62 11.12 26.33
C GLY A 225 3.85 9.92 25.45
N LEU A 226 3.95 10.13 24.14
CA LEU A 226 4.21 9.01 23.24
C LEU A 226 5.72 8.84 23.09
N ASP A 227 6.23 7.65 23.39
CA ASP A 227 7.66 7.42 23.25
C ASP A 227 8.11 7.12 21.82
N ILE A 228 7.40 6.23 21.14
CA ILE A 228 7.80 5.77 19.83
C ILE A 228 6.57 5.72 18.90
N LEU A 229 6.71 6.25 17.70
CA LEU A 229 5.65 6.23 16.69
C LEU A 229 6.20 5.51 15.49
N ILE A 230 5.70 4.28 15.26
CA ILE A 230 6.10 3.54 14.10
C ILE A 230 5.01 3.70 13.06
N THR A 231 5.37 4.22 11.90
CA THR A 231 4.34 4.58 10.93
C THR A 231 4.42 3.69 9.69
N GLY A 232 3.25 3.45 9.13
CA GLY A 232 3.13 2.85 7.82
C GLY A 232 2.13 3.64 7.00
N HIS A 233 2.17 3.37 5.69
CA HIS A 233 1.30 3.92 4.65
C HIS A 233 2.13 4.63 3.57
N ALA A 234 3.10 5.47 3.97
CA ALA A 234 3.80 6.30 2.98
C ALA A 234 4.93 5.54 2.24
N HIS A 235 5.41 4.45 2.83
CA HIS A 235 6.57 3.68 2.33
C HIS A 235 7.82 4.58 2.26
N VAL A 236 7.95 5.45 3.25
CA VAL A 236 9.12 6.35 3.33
C VAL A 236 9.91 5.97 4.56
N GLY A 237 11.11 5.44 4.36
CA GLY A 237 11.94 4.97 5.48
C GLY A 237 12.53 6.11 6.29
N THR A 238 12.89 5.83 7.53
CA THR A 238 13.59 6.80 8.39
C THR A 238 14.99 6.23 8.61
N PRO A 239 15.98 6.68 7.81
CA PRO A 239 17.36 6.19 8.03
C PRO A 239 17.94 6.65 9.40
N GLU A 240 17.45 7.77 9.92
CA GLU A 240 17.65 8.14 11.32
C GLU A 240 16.25 8.39 11.89
N PRO A 241 16.05 8.09 13.17
CA PRO A 241 14.76 8.39 13.78
C PRO A 241 14.44 9.89 13.66
N ILE A 242 13.16 10.21 13.47
CA ILE A 242 12.77 11.63 13.46
C ILE A 242 12.29 11.96 14.85
N LYS A 243 13.00 12.88 15.51
CA LYS A 243 12.66 13.23 16.88
C LYS A 243 11.73 14.44 16.94
N VAL A 244 10.58 14.27 17.59
CA VAL A 244 9.58 15.33 17.75
C VAL A 244 9.19 15.37 19.22
N GLY A 245 9.76 16.33 19.97
CA GLY A 245 9.63 16.32 21.42
C GLY A 245 10.36 15.08 21.91
N ASN A 246 9.74 14.33 22.83
CA ASN A 246 10.32 13.07 23.30
CA ASN A 246 10.30 13.09 23.32
C ASN A 246 9.89 11.87 22.48
N THR A 247 9.23 12.10 21.35
CA THR A 247 8.79 11.00 20.50
C THR A 247 9.77 10.69 19.37
N LEU A 248 10.09 9.41 19.15
CA LEU A 248 10.86 9.06 17.96
C LEU A 248 9.94 8.45 16.92
N ILE A 249 10.01 8.97 15.69
CA ILE A 249 9.20 8.47 14.57
C ILE A 249 10.08 7.57 13.71
N LEU A 250 9.57 6.36 13.43
CA LEU A 250 10.31 5.30 12.74
C LEU A 250 9.47 4.75 11.58
N SER A 251 10.12 4.46 10.46
CA SER A 251 9.45 3.77 9.35
C SER A 251 10.46 3.06 8.45
N THR A 252 9.94 2.21 7.56
CA THR A 252 10.79 1.53 6.56
C THR A 252 10.35 1.91 5.14
N ASP A 253 11.15 1.50 4.16
CA ASP A 253 10.84 1.76 2.77
C ASP A 253 9.86 0.78 2.14
N SER A 254 9.32 -0.12 2.96
CA SER A 254 8.25 -1.07 2.56
C SER A 254 8.78 -2.33 1.86
N GLY A 255 7.91 -3.33 1.80
CA GLY A 255 8.15 -4.52 0.98
C GLY A 255 9.28 -5.38 1.48
N GLY A 256 9.72 -5.13 2.71
CA GLY A 256 10.90 -5.84 3.28
C GLY A 256 12.22 -5.43 2.62
N ILE A 257 12.21 -4.32 1.90
CA ILE A 257 13.48 -3.77 1.34
C ILE A 257 14.43 -3.47 2.49
N ASP A 258 13.90 -2.93 3.59
CA ASP A 258 14.72 -2.71 4.78
C ASP A 258 13.94 -2.99 6.07
N VAL A 259 14.66 -3.21 7.15
CA VAL A 259 14.08 -3.50 8.45
C VAL A 259 14.75 -2.58 9.43
N GLY A 260 13.95 -1.88 10.23
CA GLY A 260 14.50 -0.97 11.23
C GLY A 260 14.85 -1.66 12.52
N LYS A 261 15.97 -1.22 13.10
CA LYS A 261 16.38 -1.69 14.42
C LYS A 261 16.80 -0.54 15.30
N LEU A 262 16.07 -0.36 16.41
CA LEU A 262 16.33 0.70 17.38
C LEU A 262 16.77 0.10 18.71
N VAL A 263 17.95 0.47 19.21
CA VAL A 263 18.41 0.01 20.54
C VAL A 263 18.42 1.18 21.51
N LEU A 264 17.66 1.06 22.58
CA LEU A 264 17.52 2.08 23.60
C LEU A 264 18.25 1.70 24.88
N ASP A 265 18.79 2.71 25.57
CA ASP A 265 19.31 2.54 26.89
C ASP A 265 18.19 2.93 27.85
N TYR A 266 17.70 1.95 28.61
CA TYR A 266 16.61 2.21 29.53
C TYR A 266 17.07 2.00 30.97
N LYS A 267 16.80 2.99 31.83
CA LYS A 267 17.28 2.95 33.23
C LYS A 267 16.17 2.99 34.26
N GLU A 268 15.04 2.34 33.93
CA GLU A 268 13.94 2.10 34.87
C GLU A 268 13.14 3.32 35.27
N LYS A 269 13.30 4.41 34.51
CA LYS A 269 12.45 5.58 34.68
C LYS A 269 11.45 5.61 33.51
N PRO A 270 10.17 5.24 33.78
CA PRO A 270 9.21 5.13 32.65
C PRO A 270 9.21 6.35 31.74
N HIS A 271 9.21 6.08 30.43
CA HIS A 271 9.15 7.09 29.35
C HIS A 271 10.43 7.93 29.19
N ASN A 272 11.50 7.49 29.84
CA ASN A 272 12.81 8.14 29.74
C ASN A 272 13.84 7.13 29.23
N PHE A 273 14.56 7.50 28.18
CA PHE A 273 15.47 6.56 27.52
C PHE A 273 16.41 7.40 26.68
N THR A 274 17.53 6.81 26.29
CA THR A 274 18.36 7.42 25.28
C THR A 274 18.59 6.41 24.18
N VAL A 275 18.91 6.90 23.00
CA VAL A 275 19.17 6.05 21.86
C VAL A 275 20.61 5.55 21.88
N LYS A 276 20.78 4.23 21.95
CA LYS A 276 22.11 3.64 21.89
C LYS A 276 22.56 3.42 20.44
N ASN A 277 21.68 2.87 19.62
CA ASN A 277 22.01 2.67 18.23
C ASN A 277 20.73 2.63 17.41
N PHE A 278 20.83 3.03 16.15
CA PHE A 278 19.74 2.83 15.22
C PHE A 278 20.27 2.46 13.86
N GLU A 279 19.64 1.50 13.21
CA GLU A 279 20.00 1.19 11.83
C GLU A 279 18.75 0.83 11.05
N LEU A 280 18.61 1.39 9.86
CA LEU A 280 17.60 0.90 8.92
C LEU A 280 18.39 0.05 7.92
N LYS A 281 18.28 -1.28 8.04
CA LYS A 281 19.16 -2.20 7.30
C LYS A 281 18.51 -2.75 6.05
N THR A 282 19.14 -2.54 4.89
CA THR A 282 18.65 -3.15 3.64
C THR A 282 18.89 -4.66 3.63
N ILE A 283 17.86 -5.40 3.22
CA ILE A 283 17.91 -6.85 3.23
C ILE A 283 18.27 -7.33 1.85
N TYR A 284 19.51 -7.82 1.70
CA TYR A 284 19.93 -8.47 0.49
C TYR A 284 19.88 -9.97 0.72
N ALA A 285 19.13 -10.66 -0.13
CA ALA A 285 18.88 -12.07 0.04
C ALA A 285 20.16 -12.89 0.08
N ASP A 286 21.17 -12.47 -0.69
CA ASP A 286 22.44 -13.22 -0.76
C ASP A 286 23.28 -13.08 0.52
N GLU A 287 22.81 -12.24 1.46
CA GLU A 287 23.49 -12.06 2.77
C GLU A 287 22.79 -12.78 3.92
N TRP A 288 21.66 -13.42 3.62
CA TRP A 288 20.84 -14.05 4.66
C TRP A 288 20.52 -15.51 4.40
N LYS A 289 20.49 -16.31 5.47
CA LYS A 289 19.97 -17.67 5.40
C LYS A 289 18.46 -17.64 5.69
N PRO A 290 17.63 -18.12 4.75
CA PRO A 290 16.18 -18.02 5.00
C PRO A 290 15.72 -18.99 6.09
N ASP A 291 14.84 -18.55 6.97
CA ASP A 291 14.31 -19.42 8.02
C ASP A 291 13.58 -20.60 7.36
N GLN A 292 13.96 -21.83 7.73
CA GLN A 292 13.41 -22.97 7.03
CA GLN A 292 13.40 -23.04 7.09
C GLN A 292 11.89 -23.17 7.23
N GLN A 293 11.38 -22.90 8.44
CA GLN A 293 9.95 -23.03 8.72
C GLN A 293 9.13 -22.00 7.92
N THR A 294 9.58 -20.74 7.93
CA THR A 294 8.88 -19.74 7.12
C THR A 294 8.90 -20.12 5.64
N LYS A 295 10.08 -20.50 5.13
CA LYS A 295 10.18 -20.90 3.73
C LYS A 295 9.28 -22.09 3.42
N GLN A 296 9.17 -23.05 4.35
CA GLN A 296 8.32 -24.24 4.10
C GLN A 296 6.87 -23.84 3.88
N VAL A 297 6.39 -22.91 4.71
CA VAL A 297 5.00 -22.47 4.60
C VAL A 297 4.78 -21.70 3.30
N ILE A 298 5.72 -20.81 2.96
CA ILE A 298 5.65 -20.16 1.63
C ILE A 298 5.62 -21.18 0.49
N ASP A 299 6.53 -22.16 0.52
CA ASP A 299 6.62 -23.16 -0.54
C ASP A 299 5.33 -23.95 -0.72
N GLY A 300 4.70 -24.33 0.39
CA GLY A 300 3.45 -25.09 0.34
C GLY A 300 2.38 -24.30 -0.37
N TRP A 301 2.31 -23.00 -0.10
CA TRP A 301 1.30 -22.15 -0.72
C TRP A 301 1.60 -21.96 -2.20
N ASN A 302 2.88 -21.79 -2.52
CA ASN A 302 3.24 -21.64 -3.95
C ASN A 302 2.87 -22.89 -4.76
N LYS A 303 3.07 -24.06 -4.17
CA LYS A 303 2.73 -25.29 -4.85
C LYS A 303 1.23 -25.35 -5.13
N LYS A 304 0.44 -24.91 -4.17
CA LYS A 304 -1.02 -24.94 -4.31
C LYS A 304 -1.49 -24.04 -5.43
N LEU A 305 -0.82 -22.88 -5.56
CA LEU A 305 -1.24 -21.85 -6.52
C LEU A 305 -0.63 -22.02 -7.92
N ASP A 306 0.41 -22.83 -8.01
CA ASP A 306 1.23 -22.90 -9.20
C ASP A 306 0.44 -23.14 -10.49
N GLU A 307 -0.47 -24.12 -10.45
CA GLU A 307 -1.26 -24.51 -11.63
C GLU A 307 -1.90 -23.28 -12.30
N VAL A 308 -2.57 -22.46 -11.49
CA VAL A 308 -3.25 -21.28 -11.98
C VAL A 308 -2.26 -20.21 -12.45
N VAL A 309 -1.26 -19.91 -11.62
CA VAL A 309 -0.44 -18.73 -11.91
C VAL A 309 0.57 -18.92 -13.04
N GLN A 310 0.97 -20.18 -13.28
CA GLN A 310 2.05 -20.46 -14.22
C GLN A 310 1.69 -20.25 -15.69
N GLN A 311 0.40 -20.18 -15.99
CA GLN A 311 -0.11 -20.13 -17.36
C GLN A 311 0.42 -18.89 -18.07
N THR A 312 0.98 -19.08 -19.26
CA THR A 312 1.49 -17.94 -20.03
C THR A 312 0.31 -17.22 -20.67
N VAL A 313 0.30 -15.90 -20.54
CA VAL A 313 -0.83 -15.13 -21.08
C VAL A 313 -0.40 -14.14 -22.18
N ALA A 314 0.88 -13.79 -22.22
CA ALA A 314 1.39 -12.81 -23.18
C ALA A 314 2.90 -12.89 -23.25
N GLN A 315 3.51 -11.97 -24.01
CA GLN A 315 4.95 -11.73 -23.94
C GLN A 315 5.28 -10.22 -24.12
N SER A 316 6.41 -9.81 -23.57
CA SER A 316 6.94 -8.47 -23.76
C SER A 316 8.43 -8.54 -24.11
N PRO A 317 8.90 -7.69 -25.05
CA PRO A 317 10.33 -7.59 -25.34
C PRO A 317 11.13 -6.89 -24.22
N VAL A 318 10.44 -6.19 -23.32
CA VAL A 318 11.15 -5.38 -22.32
C VAL A 318 10.37 -5.46 -21.00
N GLU A 319 11.04 -5.17 -19.90
CA GLU A 319 10.37 -5.05 -18.61
C GLU A 319 9.32 -3.95 -18.73
N LEU A 320 8.09 -4.24 -18.29
CA LEU A 320 7.01 -3.26 -18.30
C LEU A 320 7.03 -2.49 -16.97
N LYS A 321 6.98 -1.17 -17.05
CA LYS A 321 7.24 -0.30 -15.91
C LYS A 321 6.01 0.53 -15.53
N ARG A 322 6.07 1.14 -14.36
CA ARG A 322 5.02 2.01 -13.85
C ARG A 322 5.59 3.37 -13.44
N ALA A 323 4.71 4.36 -13.37
CA ALA A 323 5.09 5.70 -12.97
C ALA A 323 3.90 6.33 -12.30
N TYR A 324 4.18 7.25 -11.38
CA TYR A 324 3.15 7.83 -10.54
C TYR A 324 2.75 9.21 -11.04
N GLY A 325 3.69 9.88 -11.72
CA GLY A 325 3.49 11.29 -12.11
C GLY A 325 3.36 11.47 -13.60
N GLU A 326 3.44 10.37 -14.35
CA GLU A 326 3.37 10.43 -15.81
C GLU A 326 2.95 9.06 -16.33
N SER A 327 2.66 8.96 -17.62
CA SER A 327 2.41 7.64 -18.21
C SER A 327 3.63 6.72 -18.13
N ALA A 328 3.33 5.43 -18.04
CA ALA A 328 4.33 4.38 -18.26
C ALA A 328 3.62 3.19 -18.89
N SER A 329 4.39 2.19 -19.32
CA SER A 329 3.83 1.13 -20.15
C SER A 329 2.72 0.35 -19.46
N LEU A 330 2.86 0.04 -18.17
CA LEU A 330 1.79 -0.71 -17.51
C LEU A 330 0.49 0.11 -17.39
N GLY A 331 0.61 1.42 -17.14
CA GLY A 331 -0.58 2.28 -17.07
C GLY A 331 -1.23 2.38 -18.45
N ASN A 332 -0.41 2.55 -19.49
CA ASN A 332 -0.94 2.60 -20.84
C ASN A 332 -1.64 1.32 -21.24
N LEU A 333 -1.05 0.19 -20.88
CA LEU A 333 -1.62 -1.12 -21.17
C LEU A 333 -2.93 -1.35 -20.43
N ALA A 334 -2.95 -1.06 -19.12
CA ALA A 334 -4.14 -1.30 -18.32
C ALA A 334 -5.30 -0.45 -18.85
N ALA A 335 -5.01 0.81 -19.15
CA ALA A 335 -6.06 1.70 -19.67
C ALA A 335 -6.56 1.17 -21.00
N ASP A 336 -5.64 0.75 -21.89
CA ASP A 336 -6.07 0.17 -23.18
C ASP A 336 -6.90 -1.10 -23.03
N ALA A 337 -6.51 -1.94 -22.07
CA ALA A 337 -7.26 -3.15 -21.73
C ALA A 337 -8.68 -2.87 -21.22
N LEU A 338 -8.81 -1.88 -20.34
CA LEU A 338 -10.16 -1.49 -19.84
C LEU A 338 -10.99 -0.96 -21.01
N LEU A 339 -10.36 -0.16 -21.86
CA LEU A 339 -11.06 0.37 -23.06
C LEU A 339 -11.56 -0.75 -23.98
N ALA A 340 -10.70 -1.74 -24.25
CA ALA A 340 -11.04 -2.86 -25.12
C ALA A 340 -12.17 -3.67 -24.51
N ALA A 341 -12.12 -3.89 -23.19
CA ALA A 341 -13.12 -4.68 -22.50
C ALA A 341 -14.49 -4.00 -22.48
N ALA A 342 -14.48 -2.67 -22.41
CA ALA A 342 -15.71 -1.89 -22.38
C ALA A 342 -16.41 -1.94 -23.73
N GLY A 343 -15.66 -2.00 -24.82
CA GLY A 343 -16.26 -2.13 -26.15
C GLY A 343 -16.38 -0.82 -26.91
N LYS A 344 -16.77 -0.91 -28.17
CA LYS A 344 -16.54 0.18 -29.13
C LYS A 344 -17.35 1.46 -28.91
N ASN A 345 -18.40 1.41 -28.10
CA ASN A 345 -19.13 2.64 -27.74
C ASN A 345 -18.36 3.57 -26.77
N THR A 346 -17.29 3.05 -26.18
CA THR A 346 -16.51 3.77 -25.17
C THR A 346 -15.36 4.52 -25.82
N GLN A 347 -15.13 5.75 -25.38
CA GLN A 347 -14.16 6.63 -26.04
C GLN A 347 -12.81 6.65 -25.37
N LEU A 348 -12.78 6.44 -24.05
CA LEU A 348 -11.54 6.49 -23.29
C LEU A 348 -11.69 5.74 -21.97
N ALA A 349 -10.55 5.35 -21.41
CA ALA A 349 -10.53 4.66 -20.13
C ALA A 349 -9.48 5.29 -19.23
N LEU A 350 -9.73 5.21 -17.93
CA LEU A 350 -8.90 5.87 -16.95
C LEU A 350 -8.70 4.87 -15.83
N THR A 351 -7.48 4.77 -15.33
CA THR A 351 -7.25 3.95 -14.15
C THR A 351 -6.17 4.61 -13.29
N ASN A 352 -6.07 4.19 -12.02
CA ASN A 352 -5.21 4.89 -11.09
C ASN A 352 -3.80 4.33 -11.02
N SER A 353 -2.81 5.23 -10.92
CA SER A 353 -1.40 4.82 -10.82
C SER A 353 -1.11 3.99 -9.57
N GLY A 354 -1.80 4.31 -8.48
CA GLY A 354 -1.55 3.61 -7.20
C GLY A 354 -2.04 2.18 -7.22
N GLY A 355 -2.82 1.83 -8.23
CA GLY A 355 -3.36 0.48 -8.38
C GLY A 355 -2.44 -0.47 -9.11
N ILE A 356 -1.23 0.00 -9.44
CA ILE A 356 -0.32 -0.78 -10.30
C ILE A 356 0.91 -1.03 -9.43
N ARG A 357 1.09 -2.31 -9.04
CA ARG A 357 1.87 -2.62 -7.83
C ARG A 357 3.24 -3.27 -8.02
N ASN A 358 3.60 -3.56 -9.26
CA ASN A 358 4.84 -4.27 -9.55
C ASN A 358 5.15 -4.08 -11.03
N GLU A 359 6.41 -4.25 -11.40
CA GLU A 359 6.79 -4.36 -12.81
C GLU A 359 6.36 -5.73 -13.33
N ILE A 360 6.30 -5.86 -14.66
CA ILE A 360 6.19 -7.19 -15.27
C ILE A 360 7.50 -7.42 -16.04
N PRO A 361 8.23 -8.52 -15.71
CA PRO A 361 9.50 -8.77 -16.41
C PRO A 361 9.37 -9.00 -17.89
N ALA A 362 10.47 -8.75 -18.62
CA ALA A 362 10.59 -9.13 -20.01
C ALA A 362 10.41 -10.62 -20.18
N GLY A 363 9.91 -11.02 -21.34
CA GLY A 363 9.80 -12.45 -21.67
C GLY A 363 8.36 -12.92 -21.66
N ALA A 364 8.15 -14.18 -21.29
CA ALA A 364 6.83 -14.78 -21.24
C ALA A 364 6.12 -14.19 -20.02
N ILE A 365 4.93 -13.64 -20.24
CA ILE A 365 4.15 -13.03 -19.15
C ILE A 365 3.14 -14.06 -18.65
N THR A 366 3.11 -14.29 -17.34
CA THR A 366 2.21 -15.29 -16.78
C THR A 366 1.03 -14.67 -16.05
N MSE A 367 0.01 -15.49 -15.83
CA MSE A 367 -1.16 -15.11 -15.02
C MSE A 367 -0.74 -14.51 -13.65
O MSE A 367 -1.25 -13.46 -13.22
CB MSE A 367 -2.09 -16.30 -14.87
CG MSE A 367 -3.28 -16.08 -13.95
SE MSE A 367 -4.51 -14.78 -14.73
CE MSE A 367 -5.28 -15.93 -16.09
N GLY A 368 0.20 -15.17 -12.99
CA GLY A 368 0.70 -14.68 -11.71
C GLY A 368 1.32 -13.29 -11.82
N GLY A 369 2.06 -13.04 -12.89
CA GLY A 369 2.70 -11.73 -13.09
C GLY A 369 1.67 -10.64 -13.24
N VAL A 370 0.61 -10.95 -13.99
CA VAL A 370 -0.46 -9.95 -14.23
C VAL A 370 -1.18 -9.65 -12.91
N ILE A 371 -1.49 -10.70 -12.15
CA ILE A 371 -2.19 -10.52 -10.88
C ILE A 371 -1.33 -9.70 -9.87
N SER A 372 -0.04 -10.03 -9.77
CA SER A 372 0.87 -9.30 -8.87
C SER A 372 0.90 -7.80 -9.20
N THR A 373 0.78 -7.48 -10.47
CA THR A 373 0.83 -6.08 -10.89
C THR A 373 -0.54 -5.42 -10.69
N PHE A 374 -1.60 -6.17 -10.95
CA PHE A 374 -2.96 -5.64 -10.84
C PHE A 374 -3.78 -6.51 -9.87
N PRO A 375 -3.48 -6.45 -8.57
CA PRO A 375 -4.00 -7.45 -7.62
C PRO A 375 -5.43 -7.22 -7.11
N PHE A 376 -6.06 -6.11 -7.50
CA PHE A 376 -7.25 -5.64 -6.76
C PHE A 376 -8.54 -6.19 -7.37
N PRO A 377 -9.55 -6.44 -6.51
CA PRO A 377 -10.85 -6.84 -7.03
C PRO A 377 -11.63 -5.60 -7.46
N ASN A 378 -11.07 -4.85 -8.38
CA ASN A 378 -11.70 -3.62 -8.89
C ASN A 378 -12.37 -3.93 -10.23
N GLU A 379 -13.69 -3.88 -10.23
CA GLU A 379 -14.49 -4.37 -11.35
C GLU A 379 -14.63 -3.30 -12.43
N LEU A 380 -14.75 -3.73 -13.68
CA LEU A 380 -14.96 -2.83 -14.83
C LEU A 380 -16.27 -2.03 -14.67
N VAL A 381 -16.16 -0.73 -14.88
CA VAL A 381 -17.31 0.17 -14.81
C VAL A 381 -17.28 1.10 -16.01
N THR A 382 -18.42 1.26 -16.67
CA THR A 382 -18.57 2.27 -17.72
C THR A 382 -19.57 3.31 -17.25
N MSE A 383 -19.38 4.54 -17.72
CA MSE A 383 -20.25 5.66 -17.35
C MSE A 383 -20.06 6.79 -18.33
O MSE A 383 -19.18 6.75 -19.20
CB MSE A 383 -19.94 6.15 -15.93
CG MSE A 383 -18.58 6.80 -15.83
SE MSE A 383 -18.15 7.46 -14.07
CE MSE A 383 -18.08 5.80 -13.06
N GLU A 384 -20.89 7.83 -18.17
CA GLU A 384 -20.82 9.05 -18.96
C GLU A 384 -20.39 10.20 -18.04
N LEU A 385 -19.39 10.96 -18.47
CA LEU A 385 -18.93 12.15 -17.72
C LEU A 385 -18.89 13.32 -18.68
N THR A 386 -19.12 14.53 -18.16
CA THR A 386 -18.90 15.71 -18.99
C THR A 386 -17.40 16.01 -19.10
N GLY A 387 -17.02 16.78 -20.11
CA GLY A 387 -15.65 17.28 -20.20
C GLY A 387 -15.19 18.05 -18.97
N LYS A 388 -16.10 18.78 -18.34
CA LYS A 388 -15.75 19.51 -17.13
C LYS A 388 -15.40 18.55 -15.97
N GLN A 389 -16.18 17.47 -15.85
CA GLN A 389 -15.92 16.43 -14.86
C GLN A 389 -14.60 15.73 -15.15
N LEU A 390 -14.35 15.42 -16.42
CA LEU A 390 -13.06 14.82 -16.80
C LEU A 390 -11.89 15.72 -16.44
N ARG A 391 -12.00 17.02 -16.72
CA ARG A 391 -10.92 17.97 -16.41
CA ARG A 391 -10.89 17.93 -16.42
C ARG A 391 -10.69 18.03 -14.91
N SER A 392 -11.77 17.93 -14.14
CA SER A 392 -11.67 17.92 -12.67
C SER A 392 -10.82 16.73 -12.20
N LEU A 393 -11.05 15.57 -12.83
CA LEU A 393 -10.32 14.35 -12.47
C LEU A 393 -8.85 14.52 -12.87
N MSE A 394 -8.63 15.05 -14.07
CA MSE A 394 -7.26 15.34 -14.51
C MSE A 394 -6.54 16.28 -13.55
O MSE A 394 -5.37 16.04 -13.23
CB MSE A 394 -7.23 15.88 -15.95
CG MSE A 394 -7.91 14.99 -16.98
SE MSE A 394 -6.93 13.30 -17.21
CE MSE A 394 -8.04 12.19 -16.14
N GLU A 395 -7.19 17.36 -13.10
CA GLU A 395 -6.60 18.27 -12.13
C GLU A 395 -6.29 17.58 -10.80
N HIS A 396 -7.20 16.71 -10.34
CA HIS A 396 -6.90 15.96 -9.11
C HIS A 396 -5.66 15.07 -9.31
N GLY A 397 -5.57 14.41 -10.46
CA GLY A 397 -4.36 13.62 -10.81
C GLY A 397 -3.10 14.47 -10.78
N ALA A 398 -3.16 15.64 -11.43
CA ALA A 398 -2.03 16.57 -11.51
C ALA A 398 -1.59 17.16 -10.16
N SER A 399 -2.45 17.08 -9.14
CA SER A 399 -2.10 17.55 -7.78
C SER A 399 -1.08 16.62 -7.13
N LEU A 400 -1.03 15.41 -7.66
CA LEU A 400 -0.08 14.37 -7.26
C LEU A 400 -0.32 13.80 -5.88
N SER A 401 -1.44 14.15 -5.25
CA SER A 401 -1.75 13.62 -3.89
C SER A 401 -1.89 12.10 -3.97
N ASN A 402 -2.36 11.61 -5.12
CA ASN A 402 -2.60 10.19 -5.33
C ASN A 402 -2.06 9.71 -6.69
N GLY A 403 -1.12 10.46 -7.25
CA GLY A 403 -0.62 10.16 -8.59
C GLY A 403 -1.58 10.55 -9.71
N VAL A 404 -1.08 10.60 -10.94
CA VAL A 404 -1.93 10.91 -12.06
C VAL A 404 -2.78 9.71 -12.47
N LEU A 405 -3.86 9.97 -13.21
CA LEU A 405 -4.59 8.89 -13.82
C LEU A 405 -3.82 8.43 -15.05
N GLN A 406 -3.78 7.11 -15.21
CA GLN A 406 -3.24 6.52 -16.45
C GLN A 406 -4.38 6.46 -17.45
N VAL A 407 -4.09 6.68 -18.74
CA VAL A 407 -5.16 6.92 -19.71
C VAL A 407 -4.99 6.08 -20.99
N SER A 408 -6.07 5.91 -21.76
CA SER A 408 -6.05 5.07 -22.96
C SER A 408 -5.51 5.83 -24.15
N LYS A 409 -5.10 5.09 -25.18
CA LYS A 409 -4.57 5.69 -26.40
C LYS A 409 -5.58 6.70 -26.97
N GLY A 410 -5.07 7.85 -27.39
CA GLY A 410 -5.94 8.92 -27.91
C GLY A 410 -6.18 10.04 -26.92
N LEU A 411 -6.02 9.77 -25.62
CA LEU A 411 -6.11 10.83 -24.61
C LEU A 411 -4.72 11.37 -24.36
N GLU A 412 -4.57 12.70 -24.41
CA GLU A 412 -3.30 13.32 -24.11
C GLU A 412 -3.48 14.45 -23.12
N MSE A 413 -2.66 14.47 -22.09
CA MSE A 413 -2.75 15.51 -21.08
C MSE A 413 -1.36 16.01 -20.74
O MSE A 413 -0.46 15.21 -20.52
CB MSE A 413 -3.42 14.94 -19.82
CG MSE A 413 -3.87 15.99 -18.82
SE MSE A 413 -2.52 16.47 -17.52
CE MSE A 413 -3.07 15.26 -16.04
N LYS A 414 -1.18 17.33 -20.69
CA LYS A 414 0.07 17.90 -20.19
C LYS A 414 -0.24 18.78 -19.00
N TYR A 415 0.47 18.59 -17.88
CA TYR A 415 0.28 19.45 -16.74
C TYR A 415 1.61 20.05 -16.34
N ASP A 416 1.58 21.07 -15.48
CA ASP A 416 2.80 21.70 -15.00
C ASP A 416 2.71 21.75 -13.48
N SER A 417 3.53 20.95 -12.81
CA SER A 417 3.45 20.79 -11.36
C SER A 417 3.97 21.99 -10.59
N SER A 418 4.50 22.99 -11.30
CA SER A 418 4.94 24.22 -10.63
C SER A 418 3.81 25.23 -10.47
N LYS A 419 2.65 24.92 -11.06
CA LYS A 419 1.47 25.77 -10.90
C LYS A 419 0.67 25.37 -9.66
N PRO A 420 -0.20 26.27 -9.14
CA PRO A 420 -0.98 25.93 -7.95
C PRO A 420 -1.85 24.71 -8.22
N VAL A 421 -2.00 23.86 -7.20
CA VAL A 421 -2.99 22.77 -7.28
C VAL A 421 -4.35 23.31 -7.75
N GLY A 422 -4.95 22.61 -8.71
CA GLY A 422 -6.21 23.04 -9.27
C GLY A 422 -6.06 23.84 -10.56
N GLN A 423 -4.85 24.27 -10.87
CA GLN A 423 -4.60 25.06 -12.08
C GLN A 423 -3.43 24.50 -12.87
N ARG A 424 -3.19 23.20 -12.74
CA ARG A 424 -1.99 22.58 -13.33
C ARG A 424 -2.14 22.03 -14.72
N VAL A 425 -3.37 21.69 -15.13
CA VAL A 425 -3.57 21.13 -16.44
C VAL A 425 -3.34 22.25 -17.48
N ILE A 426 -2.48 21.95 -18.45
CA ILE A 426 -2.11 22.89 -19.51
C ILE A 426 -2.86 22.52 -20.80
N THR A 427 -2.78 21.26 -21.24
CA THR A 427 -3.56 20.82 -22.40
C THR A 427 -4.25 19.50 -22.08
N LEU A 428 -5.38 19.26 -22.75
CA LEU A 428 -6.15 18.02 -22.56
C LEU A 428 -6.96 17.77 -23.81
N THR A 429 -6.60 16.72 -24.56
CA THR A 429 -7.23 16.42 -25.83
C THR A 429 -7.57 14.94 -25.92
N LEU A 430 -8.60 14.65 -26.70
CA LEU A 430 -8.97 13.29 -27.04
C LEU A 430 -8.98 13.21 -28.57
N ASN A 431 -8.15 12.31 -29.11
CA ASN A 431 -7.97 12.19 -30.56
C ASN A 431 -7.70 13.54 -31.23
N GLY A 432 -6.85 14.33 -30.58
CA GLY A 432 -6.40 15.62 -31.08
C GLY A 432 -7.33 16.80 -30.84
N LYS A 433 -8.55 16.55 -30.40
CA LYS A 433 -9.53 17.63 -30.17
C LYS A 433 -9.55 17.98 -28.68
N PRO A 434 -9.50 19.28 -28.34
CA PRO A 434 -9.60 19.59 -26.91
C PRO A 434 -10.88 19.02 -26.30
N ILE A 435 -10.76 18.53 -25.06
CA ILE A 435 -11.92 18.17 -24.24
C ILE A 435 -12.76 19.44 -24.00
N GLU A 436 -14.07 19.32 -24.16
CA GLU A 436 -14.98 20.46 -23.97
C GLU A 436 -15.92 20.29 -22.78
N ASP A 437 -16.11 21.36 -22.02
CA ASP A 437 -16.82 21.30 -20.72
C ASP A 437 -18.19 20.62 -20.75
N ALA A 438 -19.00 20.97 -21.74
CA ALA A 438 -20.39 20.48 -21.84
C ALA A 438 -20.56 19.18 -22.62
N THR A 439 -19.52 18.76 -23.32
CA THR A 439 -19.61 17.52 -24.09
C THR A 439 -19.65 16.33 -23.14
N VAL A 440 -20.47 15.33 -23.47
CA VAL A 440 -20.55 14.11 -22.67
C VAL A 440 -19.64 13.07 -23.32
N TYR A 441 -18.80 12.44 -22.51
CA TYR A 441 -17.86 11.41 -22.99
C TYR A 441 -18.22 10.08 -22.38
N HIS A 442 -18.08 9.02 -23.17
CA HIS A 442 -18.34 7.66 -22.72
C HIS A 442 -17.02 7.06 -22.24
N ILE A 443 -16.95 6.73 -20.96
CA ILE A 443 -15.67 6.32 -20.40
C ILE A 443 -15.72 4.95 -19.72
N ALA A 444 -14.55 4.35 -19.57
CA ALA A 444 -14.42 3.13 -18.77
C ALA A 444 -13.43 3.37 -17.65
N THR A 445 -13.72 2.77 -16.50
CA THR A 445 -12.78 2.81 -15.39
C THR A 445 -13.01 1.53 -14.56
N GLN A 446 -12.62 1.54 -13.28
CA GLN A 446 -12.98 0.40 -12.45
C GLN A 446 -13.59 0.87 -11.13
N SER A 447 -14.07 -0.07 -10.32
CA SER A 447 -14.98 0.26 -9.21
C SER A 447 -14.31 1.05 -8.09
N PHE A 448 -13.01 0.86 -7.89
CA PHE A 448 -12.30 1.67 -6.86
C PHE A 448 -12.44 3.14 -7.20
N LEU A 449 -12.12 3.51 -8.46
CA LEU A 449 -12.26 4.91 -8.89
C LEU A 449 -13.72 5.34 -9.01
N ALA A 450 -14.59 4.44 -9.49
CA ALA A 450 -15.97 4.79 -9.80
C ALA A 450 -16.70 5.31 -8.57
N ASP A 451 -16.35 4.73 -7.42
CA ASP A 451 -16.86 5.14 -6.11
C ASP A 451 -16.09 6.29 -5.43
N GLY A 452 -15.19 6.94 -6.17
CA GLY A 452 -14.45 8.10 -5.68
C GLY A 452 -13.17 7.84 -4.92
N GLY A 453 -12.59 6.64 -5.10
CA GLY A 453 -11.33 6.32 -4.43
C GLY A 453 -10.23 7.28 -4.80
N ASP A 454 -9.26 7.42 -3.89
CA ASP A 454 -8.06 8.23 -4.11
C ASP A 454 -8.45 9.70 -4.29
N GLY A 455 -9.65 10.05 -3.83
CA GLY A 455 -10.14 11.44 -3.87
C GLY A 455 -10.57 11.91 -5.25
N PHE A 456 -10.70 10.96 -6.18
CA PHE A 456 -11.20 11.31 -7.50
C PHE A 456 -12.72 11.42 -7.48
N THR A 457 -13.21 12.49 -6.84
CA THR A 457 -14.61 12.58 -6.51
C THR A 457 -15.58 12.62 -7.70
N ALA A 458 -15.17 13.28 -8.79
CA ALA A 458 -16.04 13.44 -9.94
C ALA A 458 -16.56 12.13 -10.54
N PHE A 459 -15.83 11.02 -10.37
CA PHE A 459 -16.35 9.73 -10.86
C PHE A 459 -17.71 9.38 -10.28
N THR A 460 -17.97 9.85 -9.07
CA THR A 460 -19.26 9.57 -8.40
C THR A 460 -20.45 10.31 -9.04
N GLU A 461 -20.14 11.28 -9.91
CA GLU A 461 -21.15 12.09 -10.64
C GLU A 461 -21.47 11.51 -12.02
N GLY A 462 -20.77 10.45 -12.40
CA GLY A 462 -21.02 9.81 -13.71
C GLY A 462 -22.44 9.30 -13.85
N LYS A 463 -22.98 9.40 -15.06
CA LYS A 463 -24.32 8.92 -15.37
C LYS A 463 -24.25 7.65 -16.20
N ALA A 464 -25.41 6.99 -16.38
CA ALA A 464 -25.53 5.77 -17.21
C ALA A 464 -24.46 4.74 -16.81
N ARG A 465 -24.41 4.44 -15.52
CA ARG A 465 -23.36 3.60 -14.92
C ARG A 465 -23.65 2.11 -15.08
N ASN A 466 -22.64 1.33 -15.43
CA ASN A 466 -22.82 -0.11 -15.56
C ASN A 466 -21.58 -0.79 -15.04
N ILE A 467 -21.78 -1.71 -14.11
CA ILE A 467 -20.65 -2.40 -13.49
C ILE A 467 -20.67 -3.88 -13.88
N THR A 468 -19.52 -4.42 -14.28
CA THR A 468 -19.47 -5.84 -14.59
C THR A 468 -18.97 -6.62 -13.40
N GLY A 469 -19.90 -7.27 -12.69
CA GLY A 469 -19.57 -7.96 -11.44
C GLY A 469 -18.50 -9.01 -11.66
N GLY A 470 -17.48 -9.01 -10.79
CA GLY A 470 -16.44 -10.04 -10.81
C GLY A 470 -15.37 -9.93 -11.88
N TYR A 471 -15.46 -8.91 -12.74
CA TYR A 471 -14.55 -8.76 -13.87
C TYR A 471 -13.54 -7.67 -13.56
N TYR A 472 -12.35 -8.08 -13.16
CA TYR A 472 -11.39 -7.17 -12.57
C TYR A 472 -10.38 -6.67 -13.57
N VAL A 473 -9.56 -5.69 -13.17
CA VAL A 473 -8.53 -5.19 -14.06
C VAL A 473 -7.67 -6.34 -14.62
N TYR A 474 -7.27 -7.30 -13.80
CA TYR A 474 -6.35 -8.31 -14.35
C TYR A 474 -7.04 -9.21 -15.37
N HIS A 475 -8.34 -9.44 -15.21
CA HIS A 475 -9.12 -10.16 -16.24
C HIS A 475 -9.13 -9.37 -17.54
N ALA A 476 -9.29 -8.05 -17.42
CA ALA A 476 -9.29 -7.19 -18.60
C ALA A 476 -7.95 -7.27 -19.31
N VAL A 477 -6.88 -7.32 -18.55
CA VAL A 477 -5.55 -7.38 -19.15
C VAL A 477 -5.32 -8.73 -19.84
N VAL A 478 -5.66 -9.81 -19.16
CA VAL A 478 -5.56 -11.15 -19.77
C VAL A 478 -6.38 -11.22 -21.05
N ASP A 479 -7.62 -10.71 -21.00
CA ASP A 479 -8.51 -10.72 -22.17
C ASP A 479 -8.01 -9.88 -23.34
N TYR A 480 -7.27 -8.84 -23.03
CA TYR A 480 -6.69 -7.98 -24.06
CA TYR A 480 -6.69 -7.98 -24.05
C TYR A 480 -5.74 -8.79 -24.95
N PHE A 481 -4.93 -9.65 -24.32
CA PHE A 481 -4.01 -10.53 -25.05
C PHE A 481 -4.72 -11.72 -25.68
N LYS A 482 -5.71 -12.28 -25.00
CA LYS A 482 -6.51 -13.38 -25.55
C LYS A 482 -7.21 -12.99 -26.84
N ALA A 483 -7.59 -11.72 -26.96
CA ALA A 483 -8.25 -11.19 -28.15
C ALA A 483 -7.27 -10.96 -29.31
N GLY A 484 -5.99 -11.21 -29.06
CA GLY A 484 -4.96 -11.12 -30.09
C GLY A 484 -4.20 -9.82 -30.11
N ASN A 485 -4.55 -8.88 -29.22
CA ASN A 485 -3.77 -7.65 -29.11
C ASN A 485 -2.38 -7.93 -28.52
N THR A 486 -1.40 -7.12 -28.90
CA THR A 486 -0.05 -7.25 -28.33
C THR A 486 0.41 -5.93 -27.74
N ILE A 487 1.58 -5.94 -27.09
CA ILE A 487 2.16 -4.73 -26.57
C ILE A 487 2.68 -3.94 -27.74
N THR A 488 2.32 -2.66 -27.84
CA THR A 488 2.75 -1.86 -28.97
C THR A 488 3.87 -0.92 -28.59
N ASP A 489 4.55 -0.38 -29.60
CA ASP A 489 5.58 0.60 -29.35
C ASP A 489 5.05 1.88 -28.68
N GLU A 490 3.83 2.29 -29.05
CA GLU A 490 3.24 3.48 -28.45
C GLU A 490 2.84 3.24 -26.98
N GLN A 491 2.46 2.01 -26.64
CA GLN A 491 2.25 1.66 -25.22
C GLN A 491 3.57 1.76 -24.44
N LEU A 492 4.66 1.29 -25.05
CA LEU A 492 5.95 1.27 -24.37
C LEU A 492 6.57 2.63 -24.21
N ASN A 493 6.34 3.50 -25.19
CA ASN A 493 7.02 4.78 -25.28
C ASN A 493 6.13 6.03 -25.20
N GLY A 494 4.81 5.85 -25.32
CA GLY A 494 3.88 6.99 -25.41
C GLY A 494 3.69 7.75 -24.11
N MSE A 495 4.06 9.02 -24.11
CA MSE A 495 3.89 9.85 -22.91
C MSE A 495 2.52 10.53 -22.95
O MSE A 495 2.40 11.75 -23.21
CB MSE A 495 5.03 10.88 -22.74
CG MSE A 495 6.38 10.27 -22.55
SE MSE A 495 6.38 8.98 -21.06
CE MSE A 495 5.90 10.17 -19.70
N ARG A 496 1.48 9.73 -22.72
CA ARG A 496 0.12 10.22 -22.86
C ARG A 496 -0.19 11.28 -21.82
N VAL A 497 0.39 11.14 -20.62
CA VAL A 497 0.31 12.11 -19.55
C VAL A 497 1.73 12.51 -19.16
N LYS A 498 1.98 13.81 -19.11
CA LYS A 498 3.33 14.33 -18.96
C LYS A 498 3.35 15.61 -18.13
N ASP A 499 4.35 15.74 -17.26
CA ASP A 499 4.62 16.99 -16.56
C ASP A 499 5.57 17.83 -17.42
N ILE A 500 5.16 19.05 -17.75
CA ILE A 500 6.01 19.91 -18.58
C ILE A 500 6.73 20.99 -17.75
N LYS A 501 6.71 20.85 -16.42
CA LYS A 501 7.48 21.75 -15.56
C LYS A 501 8.92 21.87 -16.07
MN MN B . 1.24 0.30 1.86
FE FE C . -1.52 1.91 3.34
O5' CTN D . -1.79 1.69 -1.47
C5' CTN D . -2.91 2.55 -1.54
C4' CTN D . -3.37 2.62 -2.97
O4' CTN D . -3.88 1.32 -3.41
C1' CTN D . -4.77 1.60 -4.47
N1 CTN D . -6.00 0.76 -4.34
C6 CTN D . -6.45 0.37 -3.10
C5 CTN D . -7.52 -0.43 -2.98
C4 CTN D . -8.15 -0.84 -4.20
N3 CTN D . -7.72 -0.45 -5.42
C2 CTN D . -6.64 0.34 -5.52
O2 CTN D . -6.18 0.71 -6.63
N4 CTN D . -9.22 -1.63 -4.16
C2' CTN D . -5.05 3.11 -4.47
O2' CTN D . -4.35 3.72 -5.56
C3' CTN D . -4.52 3.57 -3.14
O3' CTN D . -4.03 4.93 -3.20
S SO4 E . -0.37 2.11 0.66
O1 SO4 E . -0.14 3.32 -0.15
O2 SO4 E . -1.69 2.05 1.27
O3 SO4 E . 0.13 0.81 0.16
O4 SO4 E . 0.48 2.31 1.89
CL CL F . -4.26 10.01 7.66
#